data_3CMQ
#
_entry.id   3CMQ
#
_cell.length_a   54.888
_cell.length_b   90.168
_cell.length_c   95.840
_cell.angle_alpha   90.000
_cell.angle_beta   90.000
_cell.angle_gamma   90.000
#
_symmetry.space_group_name_H-M   'P 21 21 21'
#
loop_
_entity.id
_entity.type
_entity.pdbx_description
1 polymer 'Phenylalanyl-tRNA synthetase, mitochondrial'
2 non-polymer 'MAGNESIUM ION'
3 non-polymer "ADENOSINE-5'-[PHENYLALANINYL-PHOSPHATE]"
4 water water
#
_entity_poly.entity_id   1
_entity_poly.type   'polypeptide(L)'
_entity_poly.pdbx_seq_one_letter_code
;MAAECATQRAPGSVVELLGKSYPQDDHSNLTRKVLTRVGRNLHNQQHHPLWLIKERVKEHFYKQYVGRFGTPLFSVYDNL
SPVVTTWQNFDSLLIPADHPSRKKGDNYYLNRTHMLRAHTSAHQWDLLHAGLDAFLVVGDVYRRDQIDSQHYPIFHQLEA
VRLFSKHELFAGIKDGESLQLFEQSSRSAHKQETHTMEAVKLVEFDLKQTLTRLMAHLFGDELEIRWVDCYFPFTHPSFE
MEINFHGEWLEVLGCGVMEQQLVNSAGAQDRIGWAFGLGLERLAMILYDIPDIRLFWCEDERFLKQFCVSNINQKVKFQP
LSKYPAVINDISFWLPSENYAENDFYDLVRTIGGDLVEKVDLIDKFVHPKTHKTSHCYRITYRHMERTLSQREVRHIHQA
LQEAAVQLLGVEGRF
;
_entity_poly.pdbx_strand_id   A
#
# COMPACT_ATOMS: atom_id res chain seq x y z
N PRO A 11 -4.99 -7.04 -24.10
CA PRO A 11 -4.33 -8.36 -24.08
C PRO A 11 -3.20 -8.44 -25.10
N GLY A 12 -2.39 -9.49 -25.01
CA GLY A 12 -1.27 -9.65 -25.94
C GLY A 12 -0.43 -10.88 -25.66
N SER A 13 0.72 -10.97 -26.34
CA SER A 13 1.62 -12.10 -26.17
C SER A 13 2.88 -11.70 -25.40
N VAL A 14 3.21 -10.42 -25.46
CA VAL A 14 4.40 -9.90 -24.77
C VAL A 14 4.15 -8.49 -24.24
N VAL A 15 4.60 -8.24 -23.02
CA VAL A 15 4.44 -6.91 -22.44
C VAL A 15 5.81 -6.28 -22.25
N GLU A 16 5.94 -5.04 -22.70
CA GLU A 16 7.19 -4.31 -22.57
C GLU A 16 6.98 -3.26 -21.48
N LEU A 17 7.87 -3.24 -20.49
CA LEU A 17 7.74 -2.31 -19.38
C LEU A 17 9.11 -1.92 -18.85
N LEU A 18 9.33 -0.60 -18.75
CA LEU A 18 10.60 -0.07 -18.26
C LEU A 18 11.80 -0.65 -19.00
N GLY A 19 11.67 -0.79 -20.32
CA GLY A 19 12.76 -1.32 -21.12
C GLY A 19 12.91 -2.82 -21.16
N LYS A 20 12.10 -3.57 -20.42
CA LYS A 20 12.21 -5.02 -20.42
C LYS A 20 10.98 -5.68 -21.03
N SER A 21 11.14 -6.93 -21.44
CA SER A 21 10.08 -7.70 -22.07
C SER A 21 9.65 -8.91 -21.23
N TYR A 22 8.34 -9.09 -21.09
CA TYR A 22 7.81 -10.21 -20.32
C TYR A 22 6.76 -10.98 -21.11
N PRO A 23 6.98 -12.29 -21.31
CA PRO A 23 6.00 -13.08 -22.06
C PRO A 23 4.72 -13.22 -21.22
N GLN A 24 3.57 -13.30 -21.87
CA GLN A 24 2.30 -13.42 -21.17
C GLN A 24 1.81 -14.85 -21.00
N ASP A 25 0.99 -15.05 -19.97
CA ASP A 25 0.44 -16.37 -19.69
C ASP A 25 -0.92 -16.25 -19.01
N ASP A 26 -1.35 -17.35 -18.41
CA ASP A 26 -2.64 -17.44 -17.71
C ASP A 26 -2.78 -16.45 -16.56
N HIS A 27 -1.66 -15.91 -16.08
CA HIS A 27 -1.69 -14.98 -14.96
C HIS A 27 -1.73 -13.51 -15.37
N SER A 28 -1.09 -13.21 -16.49
CA SER A 28 -1.03 -11.85 -17.03
C SER A 28 -2.35 -11.10 -16.96
N ASN A 29 -2.37 -9.96 -16.27
CA ASN A 29 -3.59 -9.15 -16.17
C ASN A 29 -3.33 -7.65 -16.01
N LEU A 30 -2.13 -7.22 -16.39
CA LEU A 30 -1.78 -5.81 -16.31
C LEU A 30 -2.57 -5.04 -17.37
N THR A 31 -3.05 -3.85 -17.02
CA THR A 31 -3.80 -3.04 -17.97
C THR A 31 -2.92 -1.89 -18.46
N ARG A 32 -3.20 -1.40 -19.67
CA ARG A 32 -2.43 -0.30 -20.24
C ARG A 32 -2.55 0.93 -19.35
N LYS A 33 -3.72 1.12 -18.75
CA LYS A 33 -3.96 2.26 -17.87
C LYS A 33 -2.94 2.29 -16.73
N VAL A 34 -2.74 1.15 -16.08
CA VAL A 34 -1.77 1.07 -14.99
C VAL A 34 -0.38 1.31 -15.55
N LEU A 35 -0.12 0.72 -16.70
CA LEU A 35 1.17 0.88 -17.37
C LEU A 35 1.59 2.35 -17.48
N THR A 36 0.66 3.24 -17.84
CA THR A 36 0.97 4.65 -18.00
C THR A 36 1.44 5.32 -16.71
N ARG A 37 1.15 4.69 -15.58
CA ARG A 37 1.53 5.26 -14.29
C ARG A 37 2.85 4.72 -13.74
N VAL A 38 3.33 3.61 -14.27
CA VAL A 38 4.59 3.02 -13.81
C VAL A 38 5.75 3.94 -14.21
N GLY A 39 6.56 4.34 -13.24
CA GLY A 39 7.69 5.20 -13.53
C GLY A 39 7.41 6.65 -13.18
N ARG A 40 6.15 6.96 -12.90
CA ARG A 40 5.75 8.32 -12.54
C ARG A 40 6.43 8.78 -11.25
N ASN A 41 6.61 7.85 -10.33
CA ASN A 41 7.26 8.12 -9.04
C ASN A 41 6.81 9.37 -8.28
N LEU A 42 5.66 9.61 -7.96
CA LEU A 42 5.24 10.83 -7.27
C LEU A 42 6.00 11.05 -5.97
N HIS A 43 6.42 9.97 -5.31
CA HIS A 43 7.14 10.08 -4.05
C HIS A 43 8.52 10.71 -4.22
N ASN A 44 8.96 10.87 -5.47
CA ASN A 44 10.26 11.47 -5.74
C ASN A 44 10.10 12.79 -6.48
N GLN A 45 8.86 13.25 -6.60
CA GLN A 45 8.57 14.51 -7.27
C GLN A 45 8.63 15.65 -6.27
N GLN A 46 9.64 16.51 -6.44
CA GLN A 46 9.84 17.64 -5.55
C GLN A 46 8.56 18.46 -5.35
N HIS A 47 8.23 18.74 -4.10
CA HIS A 47 7.05 19.50 -3.71
C HIS A 47 5.73 18.73 -3.70
N HIS A 48 5.72 17.50 -4.22
CA HIS A 48 4.50 16.71 -4.19
C HIS A 48 4.28 16.27 -2.72
N PRO A 49 3.03 16.32 -2.24
CA PRO A 49 2.70 15.93 -0.86
C PRO A 49 3.28 14.60 -0.39
N LEU A 50 3.37 13.61 -1.27
CA LEU A 50 3.92 12.32 -0.89
C LEU A 50 5.44 12.44 -0.75
N TRP A 51 6.05 13.26 -1.61
CA TRP A 51 7.48 13.50 -1.54
C TRP A 51 7.76 14.20 -0.21
N LEU A 52 6.88 15.12 0.15
CA LEU A 52 7.01 15.88 1.38
C LEU A 52 7.00 14.97 2.60
N ILE A 53 6.02 14.06 2.65
CA ILE A 53 5.93 13.11 3.76
C ILE A 53 7.23 12.32 3.81
N LYS A 54 7.65 11.77 2.66
CA LYS A 54 8.88 10.98 2.58
C LYS A 54 10.09 11.71 3.15
N GLU A 55 10.24 12.99 2.79
CA GLU A 55 11.37 13.78 3.27
C GLU A 55 11.30 14.06 4.77
N ARG A 56 10.11 14.35 5.28
CA ARG A 56 9.96 14.63 6.70
C ARG A 56 10.20 13.35 7.52
N VAL A 57 9.95 12.20 6.91
CA VAL A 57 10.18 10.94 7.60
C VAL A 57 11.69 10.69 7.61
N LYS A 58 12.33 10.95 6.48
CA LYS A 58 13.79 10.78 6.38
C LYS A 58 14.50 11.70 7.38
N GLU A 59 14.06 12.94 7.46
CA GLU A 59 14.67 13.89 8.37
C GLU A 59 14.54 13.43 9.81
N HIS A 60 13.38 12.89 10.15
CA HIS A 60 13.16 12.40 11.51
C HIS A 60 14.18 11.33 11.84
N PHE A 61 14.37 10.38 10.93
CA PHE A 61 15.31 9.31 11.15
C PHE A 61 16.75 9.80 11.20
N TYR A 62 17.06 10.80 10.39
CA TYR A 62 18.41 11.36 10.39
C TYR A 62 18.66 12.00 11.75
N LYS A 63 17.76 12.89 12.16
CA LYS A 63 17.88 13.56 13.45
C LYS A 63 18.06 12.57 14.59
N GLN A 64 17.25 11.51 14.61
CA GLN A 64 17.37 10.50 15.65
C GLN A 64 18.72 9.80 15.59
N TYR A 65 19.26 9.64 14.39
CA TYR A 65 20.56 9.00 14.24
C TYR A 65 21.66 9.87 14.85
N VAL A 66 21.60 11.17 14.57
CA VAL A 66 22.57 12.12 15.08
C VAL A 66 22.31 12.44 16.56
N GLY A 67 21.07 12.27 17.00
CA GLY A 67 20.73 12.56 18.38
C GLY A 67 20.95 11.47 19.41
N ARG A 68 20.75 10.22 19.03
CA ARG A 68 20.93 9.11 19.97
C ARG A 68 21.99 8.13 19.48
N PHE A 69 22.98 7.84 20.32
CA PHE A 69 24.02 6.91 19.92
C PHE A 69 23.44 5.56 19.50
N GLY A 70 22.41 5.11 20.22
CA GLY A 70 21.79 3.84 19.91
C GLY A 70 21.21 3.76 18.51
N THR A 71 20.56 4.83 18.08
CA THR A 71 19.93 4.88 16.76
C THR A 71 20.88 4.59 15.59
N PRO A 72 20.56 3.57 14.78
CA PRO A 72 21.41 3.23 13.64
C PRO A 72 21.12 4.17 12.48
N LEU A 73 22.01 4.19 11.50
CA LEU A 73 21.81 5.05 10.34
C LEU A 73 20.98 4.30 9.30
N PHE A 74 19.81 4.85 8.96
CA PHE A 74 18.94 4.20 7.98
C PHE A 74 19.27 4.64 6.55
N SER A 75 19.63 3.69 5.70
CA SER A 75 19.92 3.98 4.31
C SER A 75 18.56 3.94 3.60
N VAL A 76 18.34 4.89 2.70
CA VAL A 76 17.07 5.02 2.00
C VAL A 76 17.07 4.59 0.53
N TYR A 77 16.09 3.79 0.14
CA TYR A 77 15.96 3.33 -1.24
C TYR A 77 14.59 3.72 -1.74
N ASP A 78 14.52 4.79 -2.53
CA ASP A 78 13.25 5.26 -3.05
C ASP A 78 13.14 5.19 -4.56
N ASN A 79 14.02 4.42 -5.19
CA ASN A 79 13.98 4.30 -6.63
C ASN A 79 14.19 2.85 -7.08
N LEU A 80 13.55 1.92 -6.38
CA LEU A 80 13.65 0.52 -6.74
C LEU A 80 12.52 0.23 -7.73
N SER A 81 12.83 -0.53 -8.76
CA SER A 81 11.81 -0.87 -9.74
C SER A 81 10.66 -1.62 -9.07
N PRO A 82 9.42 -1.25 -9.40
CA PRO A 82 8.26 -1.91 -8.81
C PRO A 82 8.03 -3.31 -9.40
N VAL A 83 8.78 -3.66 -10.44
CA VAL A 83 8.63 -4.98 -11.04
C VAL A 83 9.46 -5.95 -10.21
N VAL A 84 8.78 -6.94 -9.64
CA VAL A 84 9.41 -7.93 -8.79
C VAL A 84 8.91 -9.34 -9.10
N THR A 85 9.55 -10.34 -8.51
CA THR A 85 9.12 -11.73 -8.72
C THR A 85 8.11 -12.07 -7.63
N THR A 86 7.33 -13.11 -7.88
CA THR A 86 6.33 -13.56 -6.93
C THR A 86 7.10 -14.01 -5.68
N TRP A 87 8.31 -14.52 -5.90
CA TRP A 87 9.14 -14.95 -4.80
C TRP A 87 9.50 -13.75 -3.90
N GLN A 88 9.81 -12.62 -4.50
CA GLN A 88 10.14 -11.43 -3.71
C GLN A 88 8.90 -10.93 -2.96
N ASN A 89 7.81 -10.77 -3.70
CA ASN A 89 6.57 -10.26 -3.14
C ASN A 89 5.86 -11.20 -2.16
N PHE A 90 5.96 -12.51 -2.40
CA PHE A 90 5.27 -13.47 -1.56
C PHE A 90 6.08 -14.48 -0.76
N ASP A 91 6.76 -15.39 -1.45
CA ASP A 91 7.52 -16.44 -0.78
C ASP A 91 8.57 -16.01 0.23
N SER A 92 9.39 -15.03 -0.14
CA SER A 92 10.43 -14.55 0.76
C SER A 92 9.82 -14.07 2.07
N LEU A 93 8.52 -13.72 2.02
CA LEU A 93 7.83 -13.22 3.19
C LEU A 93 6.99 -14.29 3.88
N LEU A 94 7.23 -15.55 3.52
CA LEU A 94 6.53 -16.69 4.11
C LEU A 94 5.02 -16.73 3.85
N ILE A 95 4.59 -16.07 2.79
CA ILE A 95 3.17 -16.07 2.48
C ILE A 95 2.78 -17.37 1.78
N PRO A 96 1.93 -18.17 2.44
CA PRO A 96 1.45 -19.46 1.92
C PRO A 96 1.04 -19.44 0.45
N ALA A 97 1.23 -20.57 -0.21
CA ALA A 97 0.88 -20.71 -1.62
C ALA A 97 -0.60 -20.53 -1.86
N ASP A 98 -1.42 -20.86 -0.86
CA ASP A 98 -2.87 -20.73 -0.98
C ASP A 98 -3.43 -19.46 -0.31
N HIS A 99 -2.56 -18.52 0.04
CA HIS A 99 -3.00 -17.30 0.69
C HIS A 99 -3.84 -16.44 -0.25
N PRO A 100 -4.97 -15.92 0.24
CA PRO A 100 -5.83 -15.08 -0.61
C PRO A 100 -5.17 -13.83 -1.21
N SER A 101 -4.12 -13.33 -0.56
CA SER A 101 -3.43 -12.14 -1.08
C SER A 101 -2.74 -12.40 -2.42
N ARG A 102 -2.70 -13.66 -2.87
CA ARG A 102 -2.07 -14.01 -4.14
C ARG A 102 -3.04 -14.06 -5.30
N LYS A 103 -4.35 -14.00 -5.02
CA LYS A 103 -5.35 -14.06 -6.09
C LYS A 103 -5.05 -13.13 -7.25
N LYS A 104 -5.27 -13.64 -8.46
CA LYS A 104 -5.06 -12.84 -9.67
C LYS A 104 -5.99 -11.63 -9.59
N GLY A 105 -7.12 -11.81 -8.91
CA GLY A 105 -8.08 -10.74 -8.76
C GLY A 105 -7.62 -9.54 -7.94
N ASP A 106 -6.56 -9.69 -7.15
CA ASP A 106 -6.08 -8.58 -6.33
C ASP A 106 -4.72 -8.04 -6.73
N ASN A 107 -4.08 -8.64 -7.72
CA ASN A 107 -2.75 -8.21 -8.12
C ASN A 107 -2.60 -7.97 -9.62
N TYR A 108 -1.58 -7.21 -9.97
CA TYR A 108 -1.25 -6.95 -11.36
C TYR A 108 -0.05 -7.81 -11.69
N TYR A 109 -0.30 -8.99 -12.25
CA TYR A 109 0.75 -9.93 -12.62
C TYR A 109 1.16 -9.71 -14.08
N LEU A 110 2.45 -9.64 -14.34
CA LEU A 110 2.93 -9.49 -15.71
C LEU A 110 2.79 -10.89 -16.31
N ASN A 111 2.96 -11.88 -15.45
CA ASN A 111 2.84 -13.29 -15.78
C ASN A 111 2.62 -14.04 -14.47
N ARG A 112 3.15 -15.39 -14.57
CA ARG A 112 3.31 -16.23 -13.39
C ARG A 112 4.51 -15.95 -12.48
N THR A 113 5.58 -15.37 -13.02
CA THR A 113 6.76 -15.12 -12.20
C THR A 113 7.01 -13.67 -11.81
N HIS A 114 6.55 -12.74 -12.63
CA HIS A 114 6.75 -11.32 -12.33
C HIS A 114 5.45 -10.57 -12.12
N MET A 115 5.53 -9.51 -11.32
CA MET A 115 4.36 -8.70 -11.00
C MET A 115 4.80 -7.32 -10.53
N LEU A 116 3.83 -6.43 -10.42
CA LEU A 116 4.07 -5.11 -9.87
C LEU A 116 3.91 -5.38 -8.37
N ARG A 117 4.91 -5.00 -7.58
CA ARG A 117 4.87 -5.25 -6.15
C ARG A 117 3.57 -4.75 -5.53
N ALA A 118 3.00 -5.56 -4.63
CA ALA A 118 1.77 -5.20 -3.95
C ALA A 118 2.08 -4.43 -2.67
N HIS A 119 3.35 -4.48 -2.26
CA HIS A 119 3.80 -3.76 -1.07
C HIS A 119 5.32 -3.61 -1.08
N THR A 120 5.83 -2.64 -0.33
CA THR A 120 7.26 -2.43 -0.29
C THR A 120 8.00 -3.53 0.50
N SER A 121 7.25 -4.41 1.15
CA SER A 121 7.83 -5.52 1.90
C SER A 121 8.53 -6.49 0.94
N ALA A 122 8.23 -6.32 -0.35
CA ALA A 122 8.81 -7.15 -1.40
C ALA A 122 10.34 -7.00 -1.47
N HIS A 123 10.88 -5.94 -0.85
CA HIS A 123 12.32 -5.69 -0.88
C HIS A 123 13.05 -6.00 0.42
N GLN A 124 12.31 -6.47 1.43
CA GLN A 124 12.91 -6.78 2.71
C GLN A 124 14.05 -7.80 2.60
N TRP A 125 13.75 -8.95 2.03
CA TRP A 125 14.74 -10.02 1.90
C TRP A 125 16.03 -9.61 1.18
N ASP A 126 15.89 -8.99 0.00
CA ASP A 126 17.05 -8.57 -0.77
C ASP A 126 17.97 -7.61 -0.03
N LEU A 127 17.39 -6.57 0.57
CA LEU A 127 18.17 -5.59 1.30
C LEU A 127 18.81 -6.20 2.55
N LEU A 128 18.10 -7.12 3.19
CA LEU A 128 18.60 -7.83 4.36
C LEU A 128 19.79 -8.71 3.91
N HIS A 129 19.59 -9.38 2.78
CA HIS A 129 20.56 -10.27 2.17
C HIS A 129 21.85 -9.53 1.83
N ALA A 130 21.72 -8.22 1.59
CA ALA A 130 22.86 -7.37 1.26
C ALA A 130 23.62 -6.94 2.52
N GLY A 131 23.17 -7.39 3.68
CA GLY A 131 23.82 -7.05 4.93
C GLY A 131 23.41 -5.78 5.67
N LEU A 132 22.39 -5.09 5.19
CA LEU A 132 21.94 -3.86 5.84
C LEU A 132 21.22 -4.14 7.17
N ASP A 133 21.50 -3.31 8.18
CA ASP A 133 20.89 -3.44 9.51
C ASP A 133 19.67 -2.55 9.66
N ALA A 134 19.64 -1.45 8.94
CA ALA A 134 18.53 -0.51 9.01
C ALA A 134 18.35 0.23 7.70
N PHE A 135 17.16 0.14 7.14
CA PHE A 135 16.91 0.82 5.88
C PHE A 135 15.46 1.18 5.74
N LEU A 136 15.20 2.06 4.78
CA LEU A 136 13.86 2.49 4.46
C LEU A 136 13.69 2.26 2.97
N VAL A 137 12.50 1.85 2.56
CA VAL A 137 12.20 1.66 1.14
C VAL A 137 10.95 2.50 0.93
N VAL A 138 10.97 3.33 -0.11
CA VAL A 138 9.83 4.17 -0.41
C VAL A 138 9.50 3.92 -1.88
N GLY A 139 8.22 3.66 -2.17
CA GLY A 139 7.89 3.41 -3.55
C GLY A 139 6.43 3.14 -3.85
N ASP A 140 6.11 3.24 -5.15
CA ASP A 140 4.77 3.00 -5.65
C ASP A 140 4.47 1.51 -5.60
N VAL A 141 3.30 1.16 -5.05
CA VAL A 141 2.87 -0.23 -4.96
C VAL A 141 1.56 -0.34 -5.72
N TYR A 142 1.23 -1.55 -6.16
CA TYR A 142 0.06 -1.78 -6.98
C TYR A 142 -0.88 -2.89 -6.51
N ARG A 143 -2.18 -2.59 -6.50
CA ARG A 143 -3.18 -3.57 -6.09
C ARG A 143 -4.50 -3.37 -6.81
N ARG A 144 -5.16 -4.49 -7.15
CA ARG A 144 -6.44 -4.42 -7.82
C ARG A 144 -7.45 -4.39 -6.69
N ASP A 145 -8.22 -3.32 -6.61
CA ASP A 145 -9.19 -3.18 -5.53
C ASP A 145 -10.42 -2.38 -5.97
N GLN A 146 -11.33 -2.17 -5.03
CA GLN A 146 -12.56 -1.44 -5.27
C GLN A 146 -12.27 0.02 -5.61
N ILE A 147 -13.33 0.74 -5.99
CA ILE A 147 -13.21 2.15 -6.36
C ILE A 147 -14.01 3.06 -5.45
N ASP A 148 -13.30 3.96 -4.78
CA ASP A 148 -13.89 4.96 -3.90
C ASP A 148 -12.79 5.96 -3.54
N SER A 149 -13.15 7.00 -2.81
CA SER A 149 -12.20 8.06 -2.46
C SER A 149 -10.99 7.65 -1.63
N GLN A 150 -10.95 6.39 -1.17
CA GLN A 150 -9.82 5.94 -0.36
C GLN A 150 -9.02 4.82 -1.01
N HIS A 151 -9.38 4.46 -2.23
CA HIS A 151 -8.68 3.39 -2.93
C HIS A 151 -8.27 3.80 -4.32
N TYR A 152 -7.07 3.40 -4.72
CA TYR A 152 -6.53 3.69 -6.03
C TYR A 152 -5.63 2.51 -6.41
N PRO A 153 -5.61 2.11 -7.69
CA PRO A 153 -4.79 0.98 -8.17
C PRO A 153 -3.31 1.14 -7.81
N ILE A 154 -2.89 2.40 -7.67
CA ILE A 154 -1.51 2.70 -7.33
C ILE A 154 -1.46 3.60 -6.12
N PHE A 155 -0.58 3.26 -5.18
CA PHE A 155 -0.38 4.12 -4.03
C PHE A 155 1.07 3.98 -3.59
N HIS A 156 1.42 4.56 -2.45
CA HIS A 156 2.81 4.48 -2.03
C HIS A 156 2.94 4.08 -0.58
N GLN A 157 4.02 3.36 -0.31
CA GLN A 157 4.31 2.92 1.04
C GLN A 157 5.74 3.26 1.39
N LEU A 158 6.02 3.26 2.69
CA LEU A 158 7.38 3.49 3.14
C LEU A 158 7.66 2.38 4.15
N GLU A 159 8.62 1.54 3.79
CA GLU A 159 9.04 0.40 4.60
C GLU A 159 10.22 0.76 5.48
N ALA A 160 10.26 0.16 6.67
CA ALA A 160 11.38 0.36 7.57
C ALA A 160 11.75 -0.99 8.19
N VAL A 161 13.05 -1.26 8.26
CA VAL A 161 13.54 -2.50 8.83
C VAL A 161 14.69 -2.15 9.75
N ARG A 162 14.71 -2.74 10.94
CA ARG A 162 15.73 -2.46 11.93
C ARG A 162 16.13 -3.74 12.65
N LEU A 163 17.39 -4.14 12.51
CA LEU A 163 17.93 -5.34 13.15
C LEU A 163 18.68 -5.00 14.42
N PHE A 164 18.68 -5.93 15.37
CA PHE A 164 19.36 -5.77 16.67
C PHE A 164 20.23 -7.00 16.94
N SER A 165 21.44 -6.80 17.44
CA SER A 165 22.27 -7.94 17.80
C SER A 165 21.99 -8.11 19.29
N LYS A 166 22.33 -9.26 19.84
CA LYS A 166 22.09 -9.54 21.25
C LYS A 166 22.72 -8.50 22.18
N HIS A 167 24.01 -8.28 22.00
CA HIS A 167 24.76 -7.34 22.83
C HIS A 167 24.19 -5.94 22.75
N GLU A 168 23.79 -5.54 21.55
CA GLU A 168 23.21 -4.23 21.33
C GLU A 168 21.86 -4.09 22.03
N LEU A 169 21.00 -5.08 21.83
CA LEU A 169 19.68 -5.06 22.43
C LEU A 169 19.72 -5.00 23.96
N PHE A 170 20.61 -5.79 24.57
CA PHE A 170 20.73 -5.84 26.03
C PHE A 170 21.89 -5.02 26.60
N ALA A 171 22.37 -4.05 25.83
CA ALA A 171 23.50 -3.21 26.24
C ALA A 171 23.28 -2.38 27.51
N GLY A 172 22.02 -2.03 27.77
CA GLY A 172 21.72 -1.21 28.94
C GLY A 172 21.43 -1.97 30.22
N ILE A 173 21.57 -3.29 30.19
CA ILE A 173 21.30 -4.09 31.37
C ILE A 173 22.61 -4.64 31.94
N LYS A 174 22.72 -4.68 33.27
CA LYS A 174 23.93 -5.16 33.92
C LYS A 174 24.43 -6.51 33.42
N ASP A 175 23.75 -7.58 33.82
CA ASP A 175 24.15 -8.92 33.41
C ASP A 175 23.60 -9.24 32.02
N GLY A 176 23.20 -8.20 31.30
CA GLY A 176 22.65 -8.37 29.96
C GLY A 176 23.28 -9.43 29.07
N GLU A 177 24.59 -9.62 29.18
CA GLU A 177 25.27 -10.61 28.35
C GLU A 177 24.90 -12.06 28.67
N SER A 178 24.17 -12.26 29.76
CA SER A 178 23.72 -13.60 30.16
C SER A 178 22.33 -13.83 29.58
N LEU A 179 21.77 -12.77 29.00
CA LEU A 179 20.45 -12.83 28.37
C LEU A 179 20.62 -13.27 26.93
N GLN A 180 19.56 -13.80 26.34
CA GLN A 180 19.63 -14.29 24.96
C GLN A 180 18.46 -13.84 24.09
N LEU A 181 18.67 -13.89 22.77
CA LEU A 181 17.64 -13.52 21.81
C LEU A 181 16.77 -14.72 21.45
N PHE A 182 17.40 -15.89 21.43
CA PHE A 182 16.72 -17.11 21.04
C PHE A 182 16.62 -18.22 22.08
N GLU A 183 15.64 -19.09 21.87
CA GLU A 183 15.38 -20.23 22.73
C GLU A 183 14.53 -21.20 21.91
N GLN A 184 14.05 -22.26 22.55
CA GLN A 184 13.23 -23.24 21.86
C GLN A 184 11.99 -23.56 22.67
N SER A 185 11.00 -22.69 22.62
CA SER A 185 9.75 -22.91 23.34
C SER A 185 8.63 -22.99 22.33
N SER A 186 7.49 -22.42 22.65
CA SER A 186 6.36 -22.47 21.73
C SER A 186 5.95 -21.08 21.29
N ARG A 187 5.18 -21.02 20.22
CA ARG A 187 4.69 -19.75 19.72
C ARG A 187 3.42 -19.42 20.49
N SER A 188 3.27 -18.16 20.87
CA SER A 188 2.09 -17.72 21.59
C SER A 188 1.63 -16.45 20.90
N ALA A 189 0.57 -15.84 21.44
CA ALA A 189 0.06 -14.60 20.89
C ALA A 189 1.07 -13.48 21.06
N HIS A 190 2.02 -13.67 21.97
CA HIS A 190 3.02 -12.65 22.25
C HIS A 190 4.40 -12.82 21.64
N LYS A 191 4.73 -14.02 21.16
CA LYS A 191 6.07 -14.22 20.58
C LYS A 191 6.20 -15.47 19.73
N GLN A 192 7.24 -15.46 18.90
CA GLN A 192 7.55 -16.58 18.03
C GLN A 192 8.16 -17.69 18.89
N GLU A 193 8.22 -18.90 18.34
CA GLU A 193 8.76 -20.03 19.08
C GLU A 193 10.28 -20.02 19.31
N THR A 194 11.06 -19.30 18.49
CA THR A 194 12.50 -19.28 18.72
C THR A 194 12.98 -17.98 19.37
N HIS A 195 12.03 -17.15 19.79
CA HIS A 195 12.37 -15.88 20.43
C HIS A 195 12.12 -15.95 21.92
N THR A 196 12.98 -15.27 22.69
CA THR A 196 12.80 -15.22 24.13
C THR A 196 11.90 -14.01 24.40
N MET A 197 11.13 -14.07 25.47
CA MET A 197 10.24 -12.98 25.82
C MET A 197 11.03 -11.73 26.17
N GLU A 198 12.23 -11.91 26.72
CA GLU A 198 13.09 -10.79 27.08
C GLU A 198 13.43 -9.99 25.84
N ALA A 199 13.79 -10.70 24.78
CA ALA A 199 14.15 -10.07 23.52
C ALA A 199 12.94 -9.40 22.86
N VAL A 200 11.81 -10.11 22.81
CA VAL A 200 10.62 -9.57 22.16
C VAL A 200 10.09 -8.31 22.85
N LYS A 201 10.10 -8.30 24.18
CA LYS A 201 9.61 -7.14 24.90
C LYS A 201 10.40 -5.88 24.55
N LEU A 202 11.72 -6.02 24.36
CA LEU A 202 12.53 -4.86 24.03
C LEU A 202 12.39 -4.43 22.57
N VAL A 203 12.29 -5.41 21.68
CA VAL A 203 12.14 -5.09 20.27
C VAL A 203 10.79 -4.40 20.03
N GLU A 204 9.73 -4.99 20.59
CA GLU A 204 8.38 -4.44 20.45
C GLU A 204 8.34 -3.03 21.00
N PHE A 205 8.95 -2.82 22.16
CA PHE A 205 8.95 -1.50 22.77
C PHE A 205 9.66 -0.50 21.87
N ASP A 206 10.81 -0.90 21.32
CA ASP A 206 11.57 -0.02 20.44
C ASP A 206 10.76 0.34 19.18
N LEU A 207 10.10 -0.66 18.62
CA LEU A 207 9.26 -0.48 17.44
C LEU A 207 8.17 0.55 17.71
N LYS A 208 7.42 0.35 18.80
CA LYS A 208 6.33 1.25 19.14
C LYS A 208 6.78 2.67 19.52
N GLN A 209 7.91 2.77 20.22
CA GLN A 209 8.44 4.08 20.61
C GLN A 209 8.91 4.86 19.38
N THR A 210 9.58 4.16 18.47
CA THR A 210 10.08 4.76 17.25
C THR A 210 8.91 5.30 16.40
N LEU A 211 7.88 4.50 16.23
CA LEU A 211 6.72 4.93 15.45
C LEU A 211 5.96 6.06 16.13
N THR A 212 5.86 6.00 17.46
CA THR A 212 5.18 7.05 18.21
C THR A 212 5.93 8.37 18.07
N ARG A 213 7.27 8.31 18.12
CA ARG A 213 8.07 9.53 17.98
C ARG A 213 8.00 10.07 16.55
N LEU A 214 7.90 9.19 15.57
CA LEU A 214 7.80 9.62 14.18
C LEU A 214 6.45 10.31 13.94
N MET A 215 5.41 9.81 14.59
CA MET A 215 4.07 10.36 14.44
C MET A 215 3.99 11.73 15.13
N ALA A 216 4.67 11.86 16.26
CA ALA A 216 4.69 13.12 16.99
C ALA A 216 5.40 14.18 16.15
N HIS A 217 6.44 13.75 15.45
CA HIS A 217 7.20 14.64 14.58
C HIS A 217 6.37 15.10 13.38
N LEU A 218 5.57 14.19 12.83
CA LEU A 218 4.75 14.52 11.66
C LEU A 218 3.45 15.23 12.01
N PHE A 219 2.77 14.78 13.06
CA PHE A 219 1.48 15.35 13.45
C PHE A 219 1.46 16.30 14.66
N GLY A 220 2.46 16.20 15.52
CA GLY A 220 2.47 17.02 16.72
C GLY A 220 2.01 16.11 17.85
N ASP A 221 2.24 16.53 19.10
CA ASP A 221 1.87 15.72 20.25
C ASP A 221 0.39 15.71 20.62
N GLU A 222 -0.47 16.05 19.66
CA GLU A 222 -1.90 16.07 19.93
C GLU A 222 -2.71 14.95 19.28
N LEU A 223 -2.07 14.15 18.44
CA LEU A 223 -2.81 13.09 17.77
C LEU A 223 -3.17 11.94 18.72
N GLU A 224 -4.32 11.35 18.48
CA GLU A 224 -4.81 10.23 19.26
C GLU A 224 -4.53 8.96 18.45
N ILE A 225 -3.68 8.09 18.99
CA ILE A 225 -3.33 6.86 18.31
C ILE A 225 -3.63 5.67 19.20
N ARG A 226 -3.67 4.49 18.59
CA ARG A 226 -3.95 3.27 19.34
C ARG A 226 -3.27 2.11 18.60
N TRP A 227 -2.86 1.08 19.35
CA TRP A 227 -2.25 -0.09 18.74
C TRP A 227 -3.27 -1.20 18.73
N VAL A 228 -3.44 -1.83 17.57
CA VAL A 228 -4.39 -2.93 17.40
C VAL A 228 -3.59 -4.17 17.05
N ASP A 229 -3.82 -5.27 17.77
CA ASP A 229 -3.11 -6.51 17.49
C ASP A 229 -3.64 -7.09 16.18
N CYS A 230 -2.75 -7.58 15.31
CA CYS A 230 -3.18 -8.15 14.04
C CYS A 230 -2.27 -9.27 13.59
N TYR A 231 -2.39 -9.68 12.33
CA TYR A 231 -1.57 -10.75 11.80
C TYR A 231 -0.99 -10.49 10.42
N PHE A 232 0.24 -10.97 10.21
CA PHE A 232 0.95 -10.88 8.93
C PHE A 232 1.83 -12.12 8.95
N PRO A 233 1.99 -12.78 7.79
CA PRO A 233 2.84 -13.98 7.74
C PRO A 233 4.32 -13.67 8.01
N PHE A 234 4.72 -12.44 7.74
CA PHE A 234 6.13 -12.06 7.89
C PHE A 234 6.56 -11.41 9.20
N THR A 235 5.63 -11.22 10.13
CA THR A 235 5.96 -10.65 11.43
C THR A 235 5.12 -11.32 12.50
N HIS A 236 5.59 -11.24 13.75
CA HIS A 236 4.89 -11.80 14.88
C HIS A 236 5.66 -11.60 16.18
N PRO A 237 5.07 -10.90 17.17
CA PRO A 237 3.73 -10.30 17.13
C PRO A 237 3.65 -9.17 16.10
N SER A 238 2.42 -8.89 15.66
CA SER A 238 2.15 -7.88 14.66
C SER A 238 1.10 -6.87 15.13
N PHE A 239 1.22 -5.64 14.66
CA PHE A 239 0.30 -4.58 15.06
C PHE A 239 -0.04 -3.64 13.92
N GLU A 240 -1.15 -2.95 14.09
CA GLU A 240 -1.58 -1.93 13.17
C GLU A 240 -1.71 -0.72 14.07
N MET A 241 -1.27 0.44 13.59
CA MET A 241 -1.42 1.63 14.40
C MET A 241 -2.57 2.40 13.77
N GLU A 242 -3.49 2.86 14.59
CA GLU A 242 -4.62 3.61 14.09
C GLU A 242 -4.59 5.04 14.65
N ILE A 243 -5.04 5.99 13.84
CA ILE A 243 -5.10 7.38 14.26
C ILE A 243 -6.57 7.78 14.26
N ASN A 244 -7.01 8.45 15.31
CA ASN A 244 -8.41 8.87 15.35
C ASN A 244 -8.49 10.17 14.57
N PHE A 245 -9.25 10.13 13.48
CA PHE A 245 -9.38 11.27 12.59
C PHE A 245 -10.84 11.44 12.19
N HIS A 246 -11.34 12.66 12.33
CA HIS A 246 -12.74 12.96 12.02
C HIS A 246 -13.67 11.99 12.71
N GLY A 247 -13.38 11.74 13.99
CA GLY A 247 -14.21 10.85 14.80
C GLY A 247 -14.14 9.38 14.48
N GLU A 248 -13.14 8.96 13.72
CA GLU A 248 -13.02 7.56 13.33
C GLU A 248 -11.59 7.05 13.45
N TRP A 249 -11.43 5.81 13.89
CA TRP A 249 -10.11 5.21 14.03
C TRP A 249 -9.70 4.64 12.67
N LEU A 250 -8.66 5.21 12.08
CA LEU A 250 -8.17 4.76 10.78
C LEU A 250 -6.79 4.14 10.86
N GLU A 251 -6.63 2.96 10.26
CA GLU A 251 -5.35 2.26 10.25
C GLU A 251 -4.42 2.95 9.26
N VAL A 252 -3.19 3.23 9.70
CA VAL A 252 -2.24 3.90 8.82
C VAL A 252 -0.95 3.12 8.58
N LEU A 253 -0.76 2.01 9.30
CA LEU A 253 0.44 1.22 9.11
C LEU A 253 0.36 -0.17 9.73
N GLY A 254 1.19 -1.07 9.20
CA GLY A 254 1.27 -2.41 9.72
C GLY A 254 2.70 -2.56 10.21
N CYS A 255 2.93 -3.42 11.19
CA CYS A 255 4.29 -3.62 11.71
C CYS A 255 4.36 -4.85 12.61
N GLY A 256 5.55 -5.14 13.11
CA GLY A 256 5.72 -6.28 14.00
C GLY A 256 7.15 -6.71 14.12
N VAL A 257 7.37 -7.79 14.86
CA VAL A 257 8.71 -8.36 15.03
C VAL A 257 8.89 -9.31 13.85
N MET A 258 9.95 -9.10 13.07
CA MET A 258 10.20 -9.92 11.90
C MET A 258 10.28 -11.41 12.19
N GLU A 259 9.60 -12.21 11.38
CA GLU A 259 9.62 -13.65 11.54
C GLU A 259 11.09 -14.07 11.40
N GLN A 260 11.57 -14.85 12.36
CA GLN A 260 12.97 -15.27 12.35
C GLN A 260 13.35 -16.10 11.13
N GLN A 261 12.42 -16.91 10.62
CA GLN A 261 12.71 -17.74 9.46
C GLN A 261 13.12 -16.84 8.28
N LEU A 262 12.46 -15.69 8.17
CA LEU A 262 12.76 -14.74 7.10
C LEU A 262 14.14 -14.13 7.29
N VAL A 263 14.42 -13.68 8.51
CA VAL A 263 15.70 -13.06 8.83
C VAL A 263 16.87 -14.04 8.66
N ASN A 264 16.64 -15.30 9.05
CA ASN A 264 17.65 -16.33 8.93
C ASN A 264 17.96 -16.67 7.47
N SER A 265 16.91 -16.83 6.67
CA SER A 265 17.08 -17.18 5.26
C SER A 265 17.80 -16.10 4.44
N ALA A 266 17.80 -14.86 4.93
CA ALA A 266 18.46 -13.77 4.22
C ALA A 266 19.92 -13.66 4.61
N GLY A 267 20.31 -14.39 5.66
CA GLY A 267 21.70 -14.34 6.10
C GLY A 267 22.00 -13.63 7.41
N ALA A 268 20.98 -13.15 8.11
CA ALA A 268 21.20 -12.47 9.38
C ALA A 268 20.70 -13.31 10.56
N GLN A 269 21.14 -14.56 10.62
CA GLN A 269 20.71 -15.48 11.67
C GLN A 269 21.09 -15.13 13.10
N ASP A 270 21.89 -14.09 13.26
CA ASP A 270 22.32 -13.67 14.60
C ASP A 270 21.62 -12.38 15.04
N ARG A 271 20.59 -11.99 14.31
CA ARG A 271 19.87 -10.76 14.64
C ARG A 271 18.38 -10.95 14.82
N ILE A 272 17.75 -9.98 15.46
CA ILE A 272 16.32 -9.98 15.67
C ILE A 272 15.92 -8.58 15.23
N GLY A 273 14.75 -8.42 14.62
CA GLY A 273 14.41 -7.08 14.21
C GLY A 273 12.94 -6.79 14.10
N TRP A 274 12.63 -5.53 13.77
CA TRP A 274 11.25 -5.12 13.57
C TRP A 274 11.17 -4.50 12.20
N ALA A 275 9.96 -4.38 11.69
CA ALA A 275 9.70 -3.78 10.40
C ALA A 275 8.32 -3.15 10.41
N PHE A 276 8.11 -2.18 9.54
CA PHE A 276 6.81 -1.55 9.42
C PHE A 276 6.64 -1.03 8.01
N GLY A 277 5.38 -0.86 7.63
CA GLY A 277 5.07 -0.36 6.31
C GLY A 277 3.93 0.62 6.47
N LEU A 278 4.17 1.88 6.14
CA LEU A 278 3.13 2.86 6.29
C LEU A 278 2.58 3.32 4.95
N GLY A 279 1.28 3.61 4.95
CA GLY A 279 0.63 4.08 3.73
C GLY A 279 0.82 5.58 3.65
N LEU A 280 1.54 6.05 2.64
CA LEU A 280 1.78 7.48 2.50
C LEU A 280 0.50 8.28 2.19
N GLU A 281 -0.31 7.80 1.26
CA GLU A 281 -1.56 8.50 0.94
C GLU A 281 -2.46 8.58 2.18
N ARG A 282 -2.62 7.45 2.85
CA ARG A 282 -3.43 7.38 4.06
C ARG A 282 -2.94 8.41 5.08
N LEU A 283 -1.64 8.45 5.29
CA LEU A 283 -1.02 9.37 6.23
C LEU A 283 -1.16 10.84 5.77
N ALA A 284 -0.94 11.08 4.48
CA ALA A 284 -1.05 12.43 3.91
C ALA A 284 -2.49 12.97 3.93
N MET A 285 -3.46 12.10 3.67
CA MET A 285 -4.86 12.53 3.68
C MET A 285 -5.30 12.91 5.08
N ILE A 286 -4.64 12.34 6.09
CA ILE A 286 -4.98 12.69 7.46
C ILE A 286 -4.23 13.96 7.85
N LEU A 287 -2.94 14.00 7.53
CA LEU A 287 -2.10 15.14 7.87
C LEU A 287 -2.52 16.45 7.23
N TYR A 288 -2.88 16.41 5.95
CA TYR A 288 -3.28 17.61 5.23
C TYR A 288 -4.78 17.73 4.99
N ASP A 289 -5.52 16.76 5.51
CA ASP A 289 -6.97 16.74 5.34
C ASP A 289 -7.36 16.73 3.85
N ILE A 290 -6.69 15.88 3.08
CA ILE A 290 -6.97 15.74 1.65
C ILE A 290 -8.15 14.77 1.55
N PRO A 291 -9.28 15.23 1.02
CA PRO A 291 -10.51 14.43 0.87
C PRO A 291 -10.56 13.23 -0.07
N ASP A 292 -9.85 13.29 -1.19
CA ASP A 292 -9.91 12.21 -2.18
C ASP A 292 -8.53 11.83 -2.71
N ILE A 293 -8.25 10.53 -2.73
CA ILE A 293 -6.96 10.04 -3.20
C ILE A 293 -6.61 10.43 -4.64
N ARG A 294 -7.63 10.67 -5.47
CA ARG A 294 -7.37 11.07 -6.85
C ARG A 294 -6.64 12.40 -6.94
N LEU A 295 -6.74 13.22 -5.88
CA LEU A 295 -6.08 14.52 -5.86
C LEU A 295 -4.57 14.41 -5.99
N PHE A 296 -4.01 13.29 -5.54
CA PHE A 296 -2.56 13.10 -5.63
C PHE A 296 -2.12 12.97 -7.08
N TRP A 297 -3.06 12.60 -7.95
CA TRP A 297 -2.73 12.43 -9.36
C TRP A 297 -3.20 13.53 -10.29
N CYS A 298 -3.81 14.58 -9.74
CA CYS A 298 -4.25 15.68 -10.59
C CYS A 298 -3.10 16.66 -10.68
N GLU A 299 -3.12 17.53 -11.69
CA GLU A 299 -2.05 18.50 -11.85
C GLU A 299 -2.57 19.91 -11.66
N ASP A 300 -3.73 20.01 -11.03
CA ASP A 300 -4.36 21.29 -10.74
C ASP A 300 -3.48 22.07 -9.77
N GLU A 301 -2.99 23.23 -10.18
CA GLU A 301 -2.14 24.04 -9.33
C GLU A 301 -2.82 24.42 -8.01
N ARG A 302 -4.14 24.58 -8.03
CA ARG A 302 -4.87 24.92 -6.81
C ARG A 302 -4.53 23.92 -5.71
N PHE A 303 -4.23 22.70 -6.12
CA PHE A 303 -3.87 21.64 -5.19
C PHE A 303 -2.36 21.61 -4.97
N LEU A 304 -1.61 21.42 -6.06
CA LEU A 304 -0.16 21.32 -6.01
C LEU A 304 0.62 22.52 -5.46
N LYS A 305 0.20 23.73 -5.82
CA LYS A 305 0.88 24.93 -5.36
C LYS A 305 0.96 24.99 -3.84
N GLN A 306 -0.05 24.44 -3.17
CA GLN A 306 -0.09 24.46 -1.71
C GLN A 306 1.02 23.67 -1.03
N PHE A 307 1.69 22.81 -1.77
CA PHE A 307 2.75 21.99 -1.18
C PHE A 307 4.17 22.44 -1.53
N CYS A 308 4.29 23.59 -2.17
CA CYS A 308 5.61 24.12 -2.52
C CYS A 308 6.06 25.01 -1.36
N VAL A 309 6.74 24.41 -0.39
CA VAL A 309 7.21 25.14 0.78
C VAL A 309 8.69 25.47 0.68
N SER A 310 9.12 26.44 1.48
CA SER A 310 10.53 26.85 1.51
C SER A 310 11.36 25.71 2.07
N ASN A 311 10.88 25.15 3.18
CA ASN A 311 11.56 24.03 3.83
C ASN A 311 10.49 23.00 4.17
N ILE A 312 10.87 21.73 4.18
CA ILE A 312 9.93 20.66 4.48
C ILE A 312 9.26 20.82 5.83
N ASN A 313 9.83 21.65 6.69
CA ASN A 313 9.26 21.89 8.00
C ASN A 313 8.26 23.03 8.00
N GLN A 314 8.12 23.69 6.86
CA GLN A 314 7.17 24.77 6.73
C GLN A 314 5.80 24.12 6.72
N LYS A 315 5.07 24.28 7.83
CA LYS A 315 3.76 23.67 7.96
C LYS A 315 2.79 24.18 6.89
N VAL A 316 2.32 23.27 6.04
CA VAL A 316 1.39 23.62 4.99
C VAL A 316 -0.04 23.55 5.52
N LYS A 317 -0.79 24.63 5.33
CA LYS A 317 -2.17 24.70 5.78
C LYS A 317 -3.06 24.42 4.57
N PHE A 318 -3.28 23.15 4.27
CA PHE A 318 -4.08 22.78 3.12
C PHE A 318 -5.49 23.33 3.12
N GLN A 319 -5.81 24.07 2.06
CA GLN A 319 -7.13 24.65 1.86
C GLN A 319 -7.86 23.76 0.86
N PRO A 320 -8.88 23.04 1.34
CA PRO A 320 -9.65 22.14 0.48
C PRO A 320 -10.25 22.85 -0.72
N LEU A 321 -10.24 22.18 -1.87
CA LEU A 321 -10.81 22.75 -3.07
C LEU A 321 -12.32 22.60 -2.95
N SER A 322 -13.07 23.28 -3.81
CA SER A 322 -14.51 23.18 -3.77
C SER A 322 -14.88 21.78 -4.22
N LYS A 323 -16.06 21.32 -3.84
CA LYS A 323 -16.51 19.99 -4.24
C LYS A 323 -17.62 20.20 -5.25
N TYR A 324 -17.44 19.65 -6.44
CA TYR A 324 -18.40 19.80 -7.52
C TYR A 324 -19.48 18.73 -7.48
N PRO A 325 -20.64 19.03 -8.09
CA PRO A 325 -21.78 18.10 -8.12
C PRO A 325 -21.41 16.83 -8.86
N ALA A 326 -22.06 15.73 -8.50
CA ALA A 326 -21.81 14.45 -9.12
C ALA A 326 -22.97 14.06 -10.02
N VAL A 327 -22.74 13.09 -10.88
CA VAL A 327 -23.76 12.56 -11.77
C VAL A 327 -23.75 11.07 -11.48
N ILE A 328 -24.91 10.52 -11.14
CA ILE A 328 -24.99 9.09 -10.80
C ILE A 328 -25.74 8.29 -11.83
N ASN A 329 -25.14 7.19 -12.26
CA ASN A 329 -25.77 6.30 -13.24
C ASN A 329 -25.52 4.86 -12.85
N ASP A 330 -26.53 4.03 -13.09
CA ASP A 330 -26.39 2.61 -12.79
C ASP A 330 -26.13 1.86 -14.08
N ILE A 331 -25.52 0.70 -13.93
CA ILE A 331 -25.22 -0.14 -15.07
C ILE A 331 -25.40 -1.59 -14.63
N SER A 332 -26.30 -2.29 -15.31
CA SER A 332 -26.59 -3.67 -14.99
C SER A 332 -26.30 -4.53 -16.21
N PHE A 333 -25.87 -5.76 -15.97
CA PHE A 333 -25.59 -6.68 -17.05
C PHE A 333 -25.50 -8.10 -16.50
N TRP A 334 -25.60 -9.08 -17.40
CA TRP A 334 -25.51 -10.48 -17.03
C TRP A 334 -24.06 -10.94 -17.16
N LEU A 335 -23.52 -11.51 -16.09
CA LEU A 335 -22.14 -11.99 -16.09
C LEU A 335 -21.98 -13.17 -17.04
N PRO A 336 -20.80 -13.30 -17.66
CA PRO A 336 -20.53 -14.40 -18.59
C PRO A 336 -20.68 -15.75 -17.90
N SER A 337 -21.14 -16.75 -18.64
CA SER A 337 -21.32 -18.08 -18.08
C SER A 337 -20.04 -18.60 -17.42
N GLU A 338 -19.91 -18.34 -16.12
CA GLU A 338 -18.77 -18.78 -15.34
C GLU A 338 -17.42 -18.17 -15.75
N ASN A 339 -17.43 -16.87 -16.06
CA ASN A 339 -16.22 -16.14 -16.45
C ASN A 339 -16.38 -14.66 -16.14
N TYR A 340 -15.87 -14.22 -14.99
CA TYR A 340 -15.99 -12.82 -14.60
C TYR A 340 -15.45 -12.56 -13.20
N ALA A 341 -14.92 -11.36 -12.99
CA ALA A 341 -14.39 -10.96 -11.69
C ALA A 341 -14.78 -9.51 -11.47
N GLU A 342 -15.19 -9.21 -10.24
CA GLU A 342 -15.62 -7.85 -9.87
C GLU A 342 -14.51 -6.84 -10.17
N ASN A 343 -13.28 -7.12 -9.74
CA ASN A 343 -12.17 -6.21 -9.99
C ASN A 343 -11.88 -6.02 -11.48
N ASP A 344 -12.32 -6.96 -12.31
CA ASP A 344 -12.10 -6.85 -13.76
C ASP A 344 -12.91 -5.66 -14.27
N PHE A 345 -14.15 -5.57 -13.80
CA PHE A 345 -15.01 -4.47 -14.20
C PHE A 345 -14.45 -3.16 -13.66
N TYR A 346 -13.92 -3.22 -12.45
CA TYR A 346 -13.35 -2.03 -11.85
C TYR A 346 -12.17 -1.48 -12.64
N ASP A 347 -11.40 -2.38 -13.27
CA ASP A 347 -10.27 -1.96 -14.08
C ASP A 347 -10.76 -1.27 -15.35
N LEU A 348 -11.84 -1.81 -15.92
CA LEU A 348 -12.42 -1.24 -17.14
C LEU A 348 -12.97 0.15 -16.86
N VAL A 349 -13.51 0.34 -15.67
CA VAL A 349 -14.04 1.64 -15.29
C VAL A 349 -12.90 2.63 -15.15
N ARG A 350 -11.79 2.19 -14.56
CA ARG A 350 -10.64 3.08 -14.38
C ARG A 350 -10.07 3.45 -15.75
N THR A 351 -10.15 2.51 -16.68
CA THR A 351 -9.64 2.73 -18.03
C THR A 351 -10.51 3.68 -18.86
N ILE A 352 -11.83 3.52 -18.78
CA ILE A 352 -12.76 4.36 -19.54
C ILE A 352 -13.12 5.65 -18.78
N GLY A 353 -13.50 5.50 -17.52
CA GLY A 353 -13.89 6.66 -16.72
C GLY A 353 -12.73 7.43 -16.11
N GLY A 354 -11.56 6.83 -16.06
CA GLY A 354 -10.40 7.51 -15.49
C GLY A 354 -10.70 8.12 -14.15
N ASP A 355 -10.13 9.30 -13.90
CA ASP A 355 -10.34 9.99 -12.64
C ASP A 355 -11.64 10.80 -12.60
N LEU A 356 -12.57 10.50 -13.51
CA LEU A 356 -13.87 11.16 -13.55
C LEU A 356 -14.78 10.41 -12.56
N VAL A 357 -14.47 9.15 -12.34
CA VAL A 357 -15.26 8.31 -11.44
C VAL A 357 -14.79 8.42 -9.99
N GLU A 358 -15.73 8.68 -9.09
CA GLU A 358 -15.42 8.78 -7.67
C GLU A 358 -15.55 7.43 -6.98
N LYS A 359 -16.59 6.68 -7.34
CA LYS A 359 -16.78 5.38 -6.73
C LYS A 359 -17.78 4.49 -7.46
N VAL A 360 -17.60 3.19 -7.29
CA VAL A 360 -18.50 2.21 -7.88
C VAL A 360 -19.01 1.31 -6.77
N ASP A 361 -20.33 1.14 -6.71
CA ASP A 361 -20.93 0.29 -5.69
C ASP A 361 -21.76 -0.80 -6.34
N LEU A 362 -21.53 -2.04 -5.95
CA LEU A 362 -22.29 -3.17 -6.45
C LEU A 362 -23.50 -3.22 -5.52
N ILE A 363 -24.62 -2.68 -5.99
CA ILE A 363 -25.83 -2.61 -5.18
C ILE A 363 -26.78 -3.79 -5.28
N ASP A 364 -26.73 -4.52 -6.39
CA ASP A 364 -27.63 -5.66 -6.55
C ASP A 364 -27.05 -6.81 -7.36
N LYS A 365 -27.41 -8.03 -6.97
CA LYS A 365 -26.97 -9.24 -7.66
C LYS A 365 -27.98 -10.36 -7.40
N PHE A 366 -28.32 -11.11 -8.44
CA PHE A 366 -29.27 -12.20 -8.31
C PHE A 366 -29.12 -13.14 -9.50
N VAL A 367 -29.62 -14.36 -9.35
CA VAL A 367 -29.54 -15.35 -10.41
C VAL A 367 -30.92 -15.54 -11.03
N HIS A 368 -30.97 -15.63 -12.35
CA HIS A 368 -32.26 -15.84 -13.02
C HIS A 368 -32.47 -17.36 -13.09
N PRO A 369 -33.62 -17.84 -12.60
CA PRO A 369 -33.95 -19.27 -12.61
C PRO A 369 -33.93 -19.95 -13.97
N LYS A 370 -34.62 -19.35 -14.94
CA LYS A 370 -34.68 -19.94 -16.27
C LYS A 370 -33.32 -19.99 -16.97
N THR A 371 -32.62 -18.87 -17.02
CA THR A 371 -31.32 -18.81 -17.69
C THR A 371 -30.11 -19.24 -16.87
N HIS A 372 -30.23 -19.19 -15.54
CA HIS A 372 -29.14 -19.57 -14.64
C HIS A 372 -28.06 -18.48 -14.55
N LYS A 373 -28.27 -17.38 -15.29
CA LYS A 373 -27.31 -16.28 -15.31
C LYS A 373 -27.39 -15.38 -14.08
N THR A 374 -26.26 -14.78 -13.72
CA THR A 374 -26.18 -13.87 -12.58
C THR A 374 -26.22 -12.44 -13.09
N SER A 375 -27.03 -11.61 -12.43
CA SER A 375 -27.15 -10.21 -12.79
C SER A 375 -26.46 -9.33 -11.77
N HIS A 376 -25.67 -8.38 -12.26
CA HIS A 376 -24.95 -7.44 -11.41
C HIS A 376 -25.41 -6.03 -11.73
N CYS A 377 -25.63 -5.23 -10.71
CA CYS A 377 -26.01 -3.84 -10.92
C CYS A 377 -25.05 -2.98 -10.10
N TYR A 378 -24.31 -2.13 -10.81
CA TYR A 378 -23.36 -1.23 -10.17
C TYR A 378 -23.85 0.22 -10.23
N ARG A 379 -23.62 0.95 -9.15
CA ARG A 379 -24.01 2.36 -9.10
C ARG A 379 -22.71 3.15 -9.27
N ILE A 380 -22.61 3.91 -10.35
CA ILE A 380 -21.41 4.68 -10.60
C ILE A 380 -21.57 6.17 -10.32
N THR A 381 -20.74 6.68 -9.43
CA THR A 381 -20.76 8.08 -9.07
C THR A 381 -19.66 8.82 -9.83
N TYR A 382 -20.08 9.75 -10.69
CA TYR A 382 -19.17 10.55 -11.49
C TYR A 382 -19.01 11.90 -10.82
N ARG A 383 -17.78 12.24 -10.45
CA ARG A 383 -17.51 13.52 -9.81
C ARG A 383 -16.07 13.90 -10.08
N HIS A 384 -15.90 15.00 -10.80
CA HIS A 384 -14.58 15.48 -11.14
C HIS A 384 -14.03 16.28 -9.96
N MET A 385 -12.76 16.07 -9.64
CA MET A 385 -12.12 16.78 -8.52
C MET A 385 -11.80 18.24 -8.86
N GLU A 386 -11.81 18.57 -10.15
CA GLU A 386 -11.45 19.92 -10.56
C GLU A 386 -12.55 20.78 -11.16
N ARG A 387 -13.69 20.18 -11.49
CA ARG A 387 -14.76 20.95 -12.10
C ARG A 387 -16.09 20.25 -12.07
N THR A 388 -17.12 20.93 -12.57
CA THR A 388 -18.47 20.40 -12.65
C THR A 388 -18.58 19.57 -13.92
N LEU A 389 -19.10 18.36 -13.82
CA LEU A 389 -19.26 17.50 -14.98
C LEU A 389 -20.64 17.72 -15.56
N SER A 390 -20.72 17.77 -16.89
CA SER A 390 -22.01 17.96 -17.54
C SER A 390 -22.68 16.59 -17.69
N GLN A 391 -24.00 16.61 -17.77
CA GLN A 391 -24.77 15.38 -17.94
C GLN A 391 -24.34 14.75 -19.26
N ARG A 392 -24.07 15.60 -20.23
CA ARG A 392 -23.68 15.21 -21.58
C ARG A 392 -22.40 14.37 -21.61
N GLU A 393 -21.29 14.93 -21.16
CA GLU A 393 -20.02 14.22 -21.18
C GLU A 393 -20.08 12.94 -20.35
N VAL A 394 -20.94 12.92 -19.33
CA VAL A 394 -21.07 11.74 -18.49
C VAL A 394 -21.83 10.65 -19.23
N ARG A 395 -22.86 11.05 -19.95
CA ARG A 395 -23.65 10.09 -20.72
C ARG A 395 -22.76 9.37 -21.72
N HIS A 396 -21.90 10.12 -22.40
CA HIS A 396 -21.01 9.52 -23.39
C HIS A 396 -19.98 8.59 -22.76
N ILE A 397 -19.41 8.99 -21.63
CA ILE A 397 -18.44 8.16 -20.94
C ILE A 397 -19.15 6.89 -20.46
N HIS A 398 -20.37 7.04 -19.96
CA HIS A 398 -21.15 5.92 -19.44
C HIS A 398 -21.52 4.93 -20.55
N GLN A 399 -21.94 5.46 -21.70
CA GLN A 399 -22.31 4.60 -22.81
C GLN A 399 -21.10 3.82 -23.32
N ALA A 400 -19.93 4.47 -23.31
CA ALA A 400 -18.71 3.81 -23.75
C ALA A 400 -18.36 2.69 -22.79
N LEU A 401 -18.67 2.89 -21.51
CA LEU A 401 -18.41 1.86 -20.51
C LEU A 401 -19.32 0.66 -20.75
N GLN A 402 -20.58 0.94 -21.06
CA GLN A 402 -21.56 -0.13 -21.33
C GLN A 402 -21.11 -1.01 -22.49
N GLU A 403 -20.80 -0.38 -23.61
CA GLU A 403 -20.36 -1.09 -24.80
C GLU A 403 -19.07 -1.87 -24.56
N ALA A 404 -18.13 -1.24 -23.85
CA ALA A 404 -16.85 -1.88 -23.55
C ALA A 404 -17.07 -3.11 -22.67
N ALA A 405 -17.94 -2.96 -21.67
CA ALA A 405 -18.24 -4.06 -20.76
C ALA A 405 -18.74 -5.26 -21.55
N VAL A 406 -19.56 -5.00 -22.56
CA VAL A 406 -20.10 -6.07 -23.38
C VAL A 406 -19.03 -6.67 -24.30
N GLN A 407 -18.08 -5.85 -24.73
CA GLN A 407 -17.02 -6.32 -25.62
C GLN A 407 -15.89 -7.07 -24.93
N LEU A 408 -15.40 -6.55 -23.82
CA LEU A 408 -14.28 -7.17 -23.11
C LEU A 408 -14.64 -8.09 -21.96
N LEU A 409 -15.61 -7.68 -21.14
CA LEU A 409 -16.01 -8.49 -20.00
C LEU A 409 -16.96 -9.63 -20.39
N GLY A 410 -17.49 -9.57 -21.61
CA GLY A 410 -18.40 -10.61 -22.06
C GLY A 410 -19.74 -10.58 -21.36
N VAL A 411 -20.08 -9.44 -20.78
CA VAL A 411 -21.35 -9.30 -20.07
C VAL A 411 -22.47 -9.04 -21.07
N GLU A 412 -23.69 -9.43 -20.69
CA GLU A 412 -24.84 -9.22 -21.57
C GLU A 412 -25.61 -7.99 -21.12
N GLY A 413 -25.58 -6.95 -21.96
CA GLY A 413 -26.26 -5.71 -21.65
C GLY A 413 -27.68 -5.89 -21.14
N ARG A 414 -27.86 -5.66 -19.85
CA ARG A 414 -29.16 -5.79 -19.21
C ARG A 414 -29.70 -4.39 -18.91
N PHE A 415 -28.81 -3.53 -18.43
CA PHE A 415 -29.14 -2.14 -18.11
C PHE A 415 -30.49 -2.02 -17.40
#